data_8R9U
#
_entry.id   8R9U
#
_cell.length_a   40.303
_cell.length_b   127.711
_cell.length_c   142.684
_cell.angle_alpha   90.00
_cell.angle_beta   90.00
_cell.angle_gamma   90.00
#
_symmetry.space_group_name_H-M   'P 21 21 21'
#
loop_
_entity.id
_entity.type
_entity.pdbx_description
1 polymer 'Cyclin-dependent kinase 7'
2 non-polymer 7-dimethylphosphoryl-3-[2-[[(3~{S})-6,6-dimethylpiperidin-3-yl]amino]-5-(trifluoromethyl)pyrimidin-4-yl]-1~{H}-indole-6-carbonitrile
3 water water
#
_entity_poly.entity_id   1
_entity_poly.type   'polypeptide(L)'
_entity_poly.pdbx_seq_one_letter_code
;MSYYHHHHHHDYDIPTTENLYFQGSMALDVKSRAKRYEKLDFLGEGQFATVYKARDKNTNQIVAIKKIKLGHRSEAKDGI
NRTALREIKLLQELSHPNIIGLLDAFGHKSNISLVFDFMETDLEVIIKDNSLVLTPSHIKAYMLMTLQGLEYLHQHRILH
RDLKPNNLLLDENGVLKLADFGLAKSFGDPNRAYEHQVVTRWYRAPELLFGARMYGVGVDMWAVGCILAELLLRVPFLPG
DSDLDQLTRIFETLGTPTEEQWPDMCSLPDYVTFKSFPGIPLHHIFSAAGDDLLDLIQGLFLFNPCARITATQALKMKYF
SNRPGPTPGCQLPRPNCPVETLKEQSNPALAIKRKRTEALEQGGLPKKLIF
;
_entity_poly.pdbx_strand_id   A,B
#
# COMPACT_ATOMS: atom_id res chain seq x y z
N LYS A 35 33.37 -3.65 -17.21
CA LYS A 35 32.85 -3.09 -15.97
C LYS A 35 33.63 -3.62 -14.74
N ARG A 36 33.52 -2.88 -13.62
CA ARG A 36 34.20 -3.17 -12.37
C ARG A 36 33.72 -4.51 -11.78
N TYR A 37 32.48 -4.97 -12.09
CA TYR A 37 31.89 -6.08 -11.36
C TYR A 37 31.52 -7.26 -12.26
N GLU A 38 31.63 -8.48 -11.71
CA GLU A 38 31.30 -9.74 -12.39
C GLU A 38 29.90 -10.18 -11.91
N LYS A 39 28.85 -9.92 -12.72
CA LYS A 39 27.48 -10.14 -12.29
C LYS A 39 27.19 -11.63 -12.05
N LEU A 40 27.08 -12.06 -10.77
CA LEU A 40 26.96 -13.46 -10.43
C LEU A 40 25.48 -13.94 -10.43
N ASP A 41 24.62 -13.42 -9.52
CA ASP A 41 23.24 -13.92 -9.37
C ASP A 41 22.22 -12.77 -9.33
N PHE A 42 20.97 -13.06 -9.73
CA PHE A 42 19.86 -12.13 -9.63
C PHE A 42 19.24 -12.34 -8.26
N LEU A 43 19.25 -11.31 -7.41
CA LEU A 43 18.78 -11.38 -6.03
C LEU A 43 17.34 -10.90 -5.85
N GLY A 44 16.77 -10.15 -6.80
CA GLY A 44 15.34 -9.81 -6.77
C GLY A 44 14.96 -8.43 -7.28
N GLU A 45 13.63 -8.20 -7.47
CA GLU A 45 13.05 -7.00 -8.09
C GLU A 45 12.00 -6.39 -7.16
N GLY A 46 11.94 -5.05 -7.11
CA GLY A 46 10.95 -4.31 -6.34
C GLY A 46 10.36 -3.13 -7.09
N GLN A 47 9.76 -2.18 -6.34
CA GLN A 47 9.33 -0.89 -6.88
C GLN A 47 10.42 0.14 -6.54
N PHE A 48 11.63 -0.19 -7.02
CA PHE A 48 12.79 0.71 -7.07
C PHE A 48 13.83 0.12 -8.01
N ALA A 49 14.32 -1.07 -7.67
CA ALA A 49 15.61 -1.55 -8.09
C ALA A 49 15.56 -2.98 -8.60
N THR A 50 16.55 -3.35 -9.42
CA THR A 50 16.94 -4.73 -9.62
C THR A 50 18.25 -4.97 -8.83
N VAL A 51 18.24 -5.94 -7.92
CA VAL A 51 19.38 -6.20 -7.03
C VAL A 51 20.15 -7.42 -7.54
N TYR A 52 21.48 -7.45 -7.35
CA TYR A 52 22.36 -8.47 -7.94
C TYR A 52 23.51 -8.84 -7.05
N LYS A 53 23.83 -10.13 -6.92
CA LYS A 53 25.10 -10.56 -6.34
C LYS A 53 26.18 -10.38 -7.42
N ALA A 54 27.39 -9.93 -7.04
CA ALA A 54 28.48 -9.65 -7.99
C ALA A 54 29.86 -9.71 -7.30
N ARG A 55 30.93 -9.86 -8.08
CA ARG A 55 32.31 -9.91 -7.58
C ARG A 55 33.04 -8.62 -8.02
N ASP A 56 33.69 -7.93 -7.06
CA ASP A 56 34.50 -6.74 -7.34
C ASP A 56 35.75 -7.23 -8.06
N LYS A 57 35.89 -6.95 -9.36
CA LYS A 57 36.88 -7.63 -10.19
C LYS A 57 38.36 -7.25 -9.92
N ASN A 58 38.64 -6.43 -8.91
CA ASN A 58 40.04 -6.05 -8.59
C ASN A 58 40.41 -6.36 -7.14
N THR A 59 39.42 -6.47 -6.23
CA THR A 59 39.64 -6.93 -4.84
C THR A 59 39.08 -8.37 -4.60
N ASN A 60 38.36 -8.96 -5.58
CA ASN A 60 37.76 -10.29 -5.52
C ASN A 60 36.70 -10.45 -4.41
N GLN A 61 36.18 -9.31 -3.90
CA GLN A 61 35.24 -9.23 -2.79
C GLN A 61 33.83 -9.40 -3.36
N ILE A 62 32.98 -10.18 -2.71
CA ILE A 62 31.60 -10.36 -3.15
C ILE A 62 30.78 -9.16 -2.61
N VAL A 63 29.91 -8.60 -3.49
CA VAL A 63 29.11 -7.40 -3.20
C VAL A 63 27.61 -7.62 -3.61
N ALA A 64 26.75 -6.59 -3.41
CA ALA A 64 25.36 -6.53 -3.85
C ALA A 64 25.06 -5.18 -4.52
N ILE A 65 24.49 -5.18 -5.73
CA ILE A 65 24.33 -3.96 -6.50
C ILE A 65 22.85 -3.71 -6.71
N LYS A 66 22.41 -2.50 -6.38
CA LYS A 66 21.04 -2.03 -6.41
C LYS A 66 21.02 -1.07 -7.61
N LYS A 67 20.66 -1.63 -8.79
CA LYS A 67 20.51 -0.85 -10.05
C LYS A 67 19.06 -0.29 -10.11
N ILE A 68 18.91 1.04 -10.21
CA ILE A 68 17.64 1.78 -10.14
C ILE A 68 17.51 2.70 -11.39
N ASN A 81 16.37 9.12 -7.97
CA ASN A 81 15.42 10.18 -7.62
C ASN A 81 15.36 10.42 -6.07
N ARG A 82 14.49 9.71 -5.25
CA ARG A 82 14.26 10.08 -3.82
C ARG A 82 14.29 8.89 -2.80
N THR A 83 14.00 7.65 -3.23
CA THR A 83 14.37 6.46 -2.43
C THR A 83 15.84 6.02 -2.77
N ALA A 84 16.38 6.47 -3.94
CA ALA A 84 17.75 6.24 -4.40
C ALA A 84 18.80 7.32 -3.88
N LEU A 85 18.59 8.62 -4.18
CA LEU A 85 19.49 9.72 -3.72
C LEU A 85 19.58 9.83 -2.19
N ARG A 86 18.66 9.17 -1.45
CA ARG A 86 18.70 9.14 -0.01
C ARG A 86 18.83 7.75 0.59
N GLU A 87 19.49 6.86 -0.14
CA GLU A 87 20.31 5.87 0.49
C GLU A 87 21.79 6.33 0.36
N ILE A 88 22.19 7.01 -0.76
CA ILE A 88 23.52 7.61 -0.83
C ILE A 88 23.66 8.73 0.21
N LYS A 89 22.73 9.73 0.26
CA LYS A 89 22.87 10.87 1.21
C LYS A 89 23.16 10.39 2.64
N LEU A 90 22.55 9.27 3.04
CA LEU A 90 22.73 8.77 4.40
C LEU A 90 23.90 7.78 4.55
N LEU A 91 24.13 6.82 3.62
CA LEU A 91 25.05 5.73 3.97
C LEU A 91 26.53 6.02 3.68
N GLN A 92 26.87 6.81 2.65
CA GLN A 92 28.32 7.10 2.41
C GLN A 92 28.89 7.94 3.55
N GLU A 93 28.06 8.84 4.11
CA GLU A 93 28.17 9.46 5.44
C GLU A 93 28.58 8.48 6.58
N LEU A 94 27.74 7.44 6.81
CA LEU A 94 27.74 6.65 8.04
C LEU A 94 28.72 5.52 7.99
N SER A 95 29.24 5.15 9.16
CA SER A 95 30.13 4.02 9.30
C SER A 95 29.89 3.39 10.67
N HIS A 96 29.21 2.22 10.67
CA HIS A 96 28.97 1.43 11.87
C HIS A 96 28.95 -0.04 11.49
N PRO A 97 29.56 -0.97 12.28
CA PRO A 97 29.42 -2.40 11.96
C PRO A 97 28.02 -2.94 11.74
N ASN A 98 26.99 -2.36 12.35
CA ASN A 98 25.65 -2.94 12.26
C ASN A 98 24.70 -2.11 11.36
N ILE A 99 25.28 -1.42 10.37
CA ILE A 99 24.66 -0.64 9.32
C ILE A 99 25.37 -1.12 8.03
N ILE A 100 24.60 -1.37 6.98
N ILE A 100 24.60 -1.39 6.96
CA ILE A 100 25.12 -1.79 5.69
CA ILE A 100 25.22 -1.81 5.68
C ILE A 100 26.03 -0.70 5.13
C ILE A 100 26.09 -0.69 5.18
N GLY A 101 27.18 -1.07 4.53
CA GLY A 101 28.13 -0.11 4.00
C GLY A 101 27.83 0.13 2.54
N LEU A 102 27.91 1.43 2.09
CA LEU A 102 27.90 1.81 0.67
C LEU A 102 29.37 1.96 0.21
N LEU A 103 29.79 1.02 -0.64
CA LEU A 103 31.17 0.80 -1.01
C LEU A 103 31.55 1.54 -2.33
N ASP A 104 30.58 1.76 -3.23
CA ASP A 104 30.79 2.42 -4.52
C ASP A 104 29.41 2.70 -5.20
N ALA A 105 29.38 3.49 -6.31
CA ALA A 105 28.14 3.89 -6.99
C ALA A 105 28.43 4.56 -8.35
N PHE A 106 27.48 4.49 -9.32
CA PHE A 106 27.72 5.04 -10.66
C PHE A 106 26.45 5.12 -11.58
N GLY A 107 26.58 5.80 -12.73
CA GLY A 107 25.57 5.83 -13.79
C GLY A 107 25.81 4.73 -14.82
N SER A 110 20.23 6.31 -18.05
CA SER A 110 21.34 5.70 -17.33
C SER A 110 20.96 5.38 -15.85
N ASN A 111 20.90 4.09 -15.51
CA ASN A 111 20.46 3.63 -14.18
C ASN A 111 21.54 3.85 -13.10
N ILE A 112 21.11 4.15 -11.83
CA ILE A 112 22.03 4.32 -10.69
C ILE A 112 22.35 2.95 -10.15
N SER A 113 23.61 2.64 -9.95
CA SER A 113 24.02 1.42 -9.28
C SER A 113 24.60 1.74 -7.91
N LEU A 114 24.24 0.97 -6.90
CA LEU A 114 24.63 1.22 -5.52
C LEU A 114 25.18 -0.05 -4.93
N VAL A 115 26.45 -0.04 -4.54
CA VAL A 115 27.20 -1.27 -4.26
C VAL A 115 27.43 -1.41 -2.77
N PHE A 116 26.67 -2.31 -2.13
CA PHE A 116 26.78 -2.59 -0.72
C PHE A 116 27.48 -3.93 -0.46
N ASP A 117 27.91 -4.17 0.81
CA ASP A 117 28.27 -5.49 1.35
C ASP A 117 27.21 -6.54 0.92
N PHE A 118 27.65 -7.73 0.51
CA PHE A 118 26.74 -8.86 0.27
C PHE A 118 26.53 -9.58 1.56
N MET A 119 25.27 -9.79 1.99
CA MET A 119 24.96 -10.57 3.19
C MET A 119 24.25 -11.90 2.77
N GLU A 120 24.69 -13.13 3.26
CA GLU A 120 24.15 -14.41 2.74
C GLU A 120 22.66 -14.64 3.07
N THR A 121 22.21 -14.11 4.21
CA THR A 121 20.95 -14.43 4.83
C THR A 121 20.31 -13.15 5.44
N ASP A 122 19.14 -13.28 6.03
CA ASP A 122 18.53 -12.21 6.80
C ASP A 122 17.66 -12.79 7.95
N LEU A 123 17.19 -11.94 8.89
CA LEU A 123 16.40 -12.43 10.04
C LEU A 123 15.07 -13.03 9.69
N GLU A 124 14.48 -12.68 8.52
CA GLU A 124 13.24 -13.32 8.10
C GLU A 124 13.55 -14.79 7.77
N VAL A 125 14.66 -15.06 7.06
CA VAL A 125 15.07 -16.43 6.65
C VAL A 125 15.29 -17.27 7.90
N ILE A 126 16.00 -16.71 8.90
CA ILE A 126 16.32 -17.43 10.14
CA ILE A 126 16.31 -17.48 10.11
C ILE A 126 15.02 -17.78 10.86
N ILE A 127 14.09 -16.79 10.96
CA ILE A 127 12.80 -16.95 11.63
C ILE A 127 12.03 -18.10 10.96
N LYS A 128 11.93 -18.07 9.62
CA LYS A 128 11.15 -19.02 8.86
C LYS A 128 11.69 -20.46 8.83
N ASP A 129 13.03 -20.62 9.00
CA ASP A 129 13.75 -21.89 8.86
C ASP A 129 13.55 -22.82 10.07
N ASN A 130 12.88 -23.96 9.86
CA ASN A 130 12.48 -24.85 10.96
C ASN A 130 13.68 -25.65 11.51
N SER A 131 14.73 -25.97 10.68
CA SER A 131 15.94 -26.65 11.18
C SER A 131 16.69 -25.89 12.29
N LEU A 132 16.46 -24.59 12.43
CA LEU A 132 17.20 -23.77 13.41
C LEU A 132 16.35 -23.55 14.63
N VAL A 133 16.91 -23.86 15.78
CA VAL A 133 16.29 -23.48 17.05
C VAL A 133 17.01 -22.24 17.51
N LEU A 134 16.25 -21.29 18.08
CA LEU A 134 16.80 -20.07 18.64
C LEU A 134 16.88 -20.20 20.18
N THR A 135 18.10 -20.32 20.69
CA THR A 135 18.37 -20.30 22.13
C THR A 135 18.31 -18.82 22.66
N PRO A 136 18.08 -18.61 23.96
CA PRO A 136 18.15 -17.25 24.53
C PRO A 136 19.35 -16.37 24.14
N SER A 137 20.46 -16.99 23.84
CA SER A 137 21.72 -16.35 23.59
C SER A 137 21.79 -15.87 22.14
N HIS A 138 21.23 -16.65 21.16
CA HIS A 138 21.17 -16.18 19.79
C HIS A 138 20.30 -14.92 19.71
N ILE A 139 19.18 -14.91 20.44
CA ILE A 139 18.27 -13.78 20.41
C ILE A 139 18.90 -12.54 20.99
N LYS A 140 19.65 -12.72 22.10
CA LYS A 140 20.34 -11.60 22.73
C LYS A 140 21.36 -10.98 21.80
N ALA A 141 22.01 -11.81 20.98
CA ALA A 141 23.03 -11.37 20.04
C ALA A 141 22.37 -10.64 18.87
N TYR A 142 21.27 -11.22 18.32
CA TYR A 142 20.54 -10.50 17.26
C TYR A 142 20.01 -9.14 17.74
N MET A 143 19.46 -9.07 18.97
N MET A 143 19.47 -9.06 18.96
CA MET A 143 18.94 -7.83 19.53
CA MET A 143 18.94 -7.83 19.51
C MET A 143 20.03 -6.83 19.81
C MET A 143 20.03 -6.83 19.82
N LEU A 144 21.19 -7.29 20.29
CA LEU A 144 22.27 -6.40 20.67
C LEU A 144 22.90 -5.78 19.45
N MET A 145 23.02 -6.51 18.34
CA MET A 145 23.51 -5.88 17.09
C MET A 145 22.49 -4.91 16.56
N THR A 146 21.20 -5.29 16.59
CA THR A 146 20.13 -4.44 16.07
C THR A 146 19.99 -3.15 16.84
N LEU A 147 20.24 -3.19 18.15
CA LEU A 147 20.12 -2.01 18.98
C LEU A 147 21.36 -1.12 18.89
N GLN A 148 22.57 -1.71 18.88
CA GLN A 148 23.78 -0.90 18.72
C GLN A 148 23.80 -0.14 17.35
N GLY A 149 23.40 -0.78 16.26
CA GLY A 149 23.12 -0.09 15.01
C GLY A 149 22.14 1.06 15.12
N LEU A 150 21.04 0.92 15.82
CA LEU A 150 19.99 2.00 15.92
C LEU A 150 20.34 3.08 16.85
N GLU A 151 21.07 2.76 17.91
CA GLU A 151 21.52 3.75 18.85
C GLU A 151 22.49 4.71 18.14
N TYR A 152 23.49 4.20 17.38
CA TYR A 152 24.28 5.07 16.51
C TYR A 152 23.39 5.83 15.52
N LEU A 153 22.44 5.19 14.79
CA LEU A 153 21.50 5.97 13.92
C LEU A 153 20.81 7.14 14.65
N HIS A 154 20.16 6.84 15.76
CA HIS A 154 19.42 7.81 16.58
C HIS A 154 20.28 8.87 17.19
N GLN A 155 21.55 8.53 17.45
CA GLN A 155 22.55 9.54 17.88
C GLN A 155 22.97 10.43 16.75
N HIS A 156 22.97 9.95 15.48
CA HIS A 156 23.14 10.78 14.28
C HIS A 156 21.82 11.38 13.72
N ARG A 157 20.76 11.47 14.57
CA ARG A 157 19.47 12.04 14.22
C ARG A 157 18.93 11.50 12.89
N ILE A 158 18.82 10.13 12.74
CA ILE A 158 18.19 9.49 11.58
CA ILE A 158 18.16 9.52 11.59
C ILE A 158 17.25 8.42 12.10
N LEU A 159 16.04 8.36 11.51
CA LEU A 159 15.00 7.38 11.74
C LEU A 159 15.07 6.48 10.56
N HIS A 160 15.17 5.18 10.77
CA HIS A 160 15.19 4.23 9.68
C HIS A 160 13.81 4.10 9.01
N ARG A 161 12.75 4.13 9.82
CA ARG A 161 11.32 4.00 9.46
C ARG A 161 10.90 2.76 8.64
N ASP A 162 11.70 1.68 8.58
CA ASP A 162 11.27 0.49 7.86
C ASP A 162 11.84 -0.77 8.48
N LEU A 163 12.02 -0.80 9.82
CA LEU A 163 12.59 -1.97 10.47
C LEU A 163 11.64 -3.15 10.36
N LYS A 164 12.10 -4.19 9.67
CA LYS A 164 11.41 -5.45 9.64
C LYS A 164 12.54 -6.54 9.72
N PRO A 165 12.19 -7.81 10.01
CA PRO A 165 13.17 -8.89 9.91
C PRO A 165 13.94 -8.97 8.59
N ASN A 166 13.28 -8.75 7.45
CA ASN A 166 13.94 -8.95 6.17
C ASN A 166 14.97 -7.81 5.82
N ASN A 167 14.94 -6.64 6.56
CA ASN A 167 15.97 -5.53 6.48
C ASN A 167 17.04 -5.62 7.57
N LEU A 168 17.01 -6.67 8.40
CA LEU A 168 18.10 -7.01 9.29
C LEU A 168 18.79 -8.13 8.59
N LEU A 169 19.87 -7.80 7.96
CA LEU A 169 20.74 -8.68 7.18
C LEU A 169 21.92 -9.20 7.97
N LEU A 170 22.53 -10.32 7.48
CA LEU A 170 23.42 -11.17 8.25
C LEU A 170 24.48 -11.78 7.36
N ASP A 171 25.73 -11.33 7.50
CA ASP A 171 26.83 -11.80 6.64
C ASP A 171 27.36 -13.10 7.16
N GLU A 172 28.18 -13.79 6.40
CA GLU A 172 28.67 -15.17 6.77
C GLU A 172 29.23 -15.31 8.19
N ASN A 173 29.78 -14.25 8.72
CA ASN A 173 30.34 -14.20 10.06
C ASN A 173 29.34 -13.85 11.16
N GLY A 174 28.08 -13.70 10.79
CA GLY A 174 26.99 -13.44 11.73
C GLY A 174 26.99 -12.06 12.28
N VAL A 175 27.32 -11.07 11.47
CA VAL A 175 27.20 -9.66 11.84
C VAL A 175 25.89 -9.20 11.20
N LEU A 176 24.99 -8.71 12.05
CA LEU A 176 23.76 -8.14 11.62
C LEU A 176 23.98 -6.66 11.23
N LYS A 177 23.50 -6.28 10.03
CA LYS A 177 23.51 -4.94 9.51
C LYS A 177 22.10 -4.53 9.11
N LEU A 178 21.77 -3.28 9.40
CA LEU A 178 20.51 -2.68 8.98
C LEU A 178 20.63 -2.31 7.56
N ALA A 179 19.58 -2.52 6.79
CA ALA A 179 19.60 -2.17 5.39
C ALA A 179 18.31 -1.49 4.96
N ASP A 180 18.27 -1.07 3.69
CA ASP A 180 17.13 -0.47 3.05
C ASP A 180 16.84 0.87 3.73
N PHE A 181 17.71 1.82 3.48
CA PHE A 181 17.61 3.19 3.97
C PHE A 181 16.91 4.14 2.97
N GLY A 182 15.92 3.62 2.23
CA GLY A 182 15.18 4.37 1.23
C GLY A 182 13.95 5.07 1.80
N LEU A 183 13.49 4.65 2.99
CA LEU A 183 12.45 5.32 3.81
C LEU A 183 13.06 6.09 4.96
N ALA A 184 14.38 5.97 5.27
CA ALA A 184 14.97 6.74 6.37
C ALA A 184 14.94 8.25 6.10
N LYS A 185 14.82 9.10 7.19
CA LYS A 185 14.86 10.56 7.14
C LYS A 185 15.46 11.10 8.45
N SER A 186 15.93 12.35 8.38
CA SER A 186 16.54 12.98 9.53
C SER A 186 15.48 13.42 10.51
N PHE A 187 15.78 13.48 11.83
CA PHE A 187 14.82 14.07 12.78
C PHE A 187 14.32 15.46 12.34
N GLY A 188 15.18 16.20 11.63
CA GLY A 188 14.89 17.54 11.19
C GLY A 188 13.92 17.68 10.02
N ASP A 189 14.05 16.82 8.99
CA ASP A 189 13.23 16.87 7.78
C ASP A 189 11.72 16.90 8.05
N PRO A 190 10.92 17.66 7.24
CA PRO A 190 9.47 17.70 7.47
C PRO A 190 8.73 16.57 6.75
N ASN A 191 7.58 16.15 7.31
CA ASN A 191 6.70 15.15 6.71
C ASN A 191 5.80 15.78 5.66
N VAL A 198 6.88 5.04 6.19
CA VAL A 198 6.17 4.58 7.38
C VAL A 198 5.97 2.98 7.47
N VAL A 199 6.87 2.24 8.21
CA VAL A 199 7.09 0.77 8.08
C VAL A 199 5.83 -0.14 7.72
N THR A 200 6.09 -1.39 7.27
CA THR A 200 5.00 -2.35 7.01
C THR A 200 4.14 -2.58 8.29
N ARG A 201 2.85 -2.83 8.04
CA ARG A 201 1.73 -2.64 8.97
C ARG A 201 1.95 -3.40 10.25
N TRP A 202 2.50 -4.60 10.17
CA TRP A 202 2.74 -5.42 11.34
C TRP A 202 3.75 -4.87 12.37
N TYR A 203 4.66 -3.99 11.93
CA TYR A 203 5.71 -3.42 12.79
C TYR A 203 5.47 -1.93 13.16
N ARG A 204 4.29 -1.42 12.79
CA ARG A 204 3.94 -0.03 12.81
C ARG A 204 3.37 0.32 14.15
N ALA A 205 3.87 1.42 14.71
CA ALA A 205 3.48 1.89 16.03
C ALA A 205 2.06 2.48 16.03
N PRO A 206 1.39 2.55 17.19
CA PRO A 206 -0.01 2.98 17.17
C PRO A 206 -0.17 4.45 16.86
N GLU A 207 0.82 5.31 17.22
CA GLU A 207 0.78 6.73 16.84
C GLU A 207 0.67 6.91 15.33
N LEU A 208 1.49 6.19 14.58
CA LEU A 208 1.44 6.26 13.11
C LEU A 208 0.11 5.77 12.59
N LEU A 209 -0.48 4.72 13.18
CA LEU A 209 -1.79 4.22 12.73
C LEU A 209 -2.93 5.17 13.04
N PHE A 210 -2.84 5.91 14.13
CA PHE A 210 -3.69 7.08 14.39
C PHE A 210 -3.16 8.35 13.67
N GLY A 211 -2.45 8.18 12.55
CA GLY A 211 -2.02 9.26 11.67
C GLY A 211 -1.20 10.38 12.28
N ALA A 212 -0.31 10.07 13.23
CA ALA A 212 0.56 11.09 13.82
C ALA A 212 1.47 11.69 12.73
N ARG A 213 1.62 13.02 12.78
N ARG A 213 1.63 13.03 12.76
CA ARG A 213 2.29 13.85 11.76
CA ARG A 213 2.31 13.84 11.73
C ARG A 213 3.76 14.09 12.12
C ARG A 213 3.77 14.11 12.12
N MET A 214 4.04 14.34 13.43
CA MET A 214 5.37 14.40 13.99
CA MET A 214 5.38 14.39 13.96
C MET A 214 5.53 13.23 14.97
N TYR A 215 6.73 12.72 15.08
CA TYR A 215 7.03 11.51 15.80
C TYR A 215 8.59 11.34 15.87
N GLY A 216 9.07 10.25 16.44
CA GLY A 216 10.48 10.09 16.70
C GLY A 216 10.93 8.65 16.83
N VAL A 217 11.94 8.47 17.69
N VAL A 217 11.88 8.40 17.74
CA VAL A 217 12.56 7.19 18.06
CA VAL A 217 12.54 7.09 17.76
C VAL A 217 11.57 6.04 18.20
C VAL A 217 11.59 5.96 18.26
N GLY A 218 10.45 6.29 18.86
CA GLY A 218 9.45 5.27 19.21
C GLY A 218 8.89 4.46 18.07
N VAL A 219 8.89 5.04 16.90
CA VAL A 219 8.47 4.37 15.67
C VAL A 219 9.43 3.21 15.36
N ASP A 220 10.72 3.46 15.42
CA ASP A 220 11.73 2.42 15.27
C ASP A 220 11.78 1.48 16.44
N MET A 221 11.54 1.96 17.67
CA MET A 221 11.60 1.09 18.84
C MET A 221 10.43 0.11 18.95
N TRP A 222 9.22 0.51 18.54
CA TRP A 222 8.05 -0.38 18.48
C TRP A 222 8.34 -1.52 17.51
N ALA A 223 8.86 -1.18 16.27
CA ALA A 223 9.27 -2.14 15.25
C ALA A 223 10.29 -3.16 15.77
N VAL A 224 11.29 -2.72 16.57
CA VAL A 224 12.30 -3.60 17.22
C VAL A 224 11.62 -4.58 18.16
N GLY A 225 10.63 -4.11 18.90
CA GLY A 225 9.88 -4.97 19.80
C GLY A 225 9.13 -6.06 19.06
N CYS A 226 8.49 -5.68 17.93
CA CYS A 226 7.77 -6.63 17.05
C CYS A 226 8.73 -7.70 16.52
N ILE A 227 9.98 -7.29 16.19
CA ILE A 227 11.07 -8.19 15.75
C ILE A 227 11.48 -9.15 16.90
N LEU A 228 11.72 -8.61 18.10
CA LEU A 228 11.97 -9.44 19.28
C LEU A 228 10.85 -10.50 19.54
N ALA A 229 9.57 -10.06 19.50
CA ALA A 229 8.44 -10.99 19.60
C ALA A 229 8.46 -12.08 18.53
N GLU A 230 8.82 -11.74 17.29
CA GLU A 230 8.87 -12.70 16.19
C GLU A 230 10.05 -13.63 16.35
N LEU A 231 11.18 -13.17 16.92
CA LEU A 231 12.27 -14.08 17.27
C LEU A 231 11.80 -15.13 18.30
N LEU A 232 11.12 -14.69 19.35
CA LEU A 232 10.68 -15.53 20.46
C LEU A 232 9.52 -16.45 20.07
N LEU A 233 8.51 -15.92 19.36
CA LEU A 233 7.35 -16.68 18.90
C LEU A 233 7.52 -17.40 17.57
N ARG A 234 8.44 -16.94 16.76
CA ARG A 234 8.78 -17.48 15.44
C ARG A 234 7.65 -17.33 14.41
N VAL A 235 6.55 -16.63 14.76
CA VAL A 235 5.51 -16.16 13.86
C VAL A 235 5.35 -14.65 14.07
N PRO A 236 4.70 -13.91 13.14
CA PRO A 236 4.47 -12.47 13.39
C PRO A 236 3.60 -12.21 14.59
N PHE A 237 3.94 -11.19 15.37
CA PHE A 237 3.30 -10.92 16.66
C PHE A 237 1.91 -10.31 16.52
N LEU A 238 1.76 -9.38 15.56
CA LEU A 238 0.56 -8.57 15.32
C LEU A 238 0.27 -8.48 13.81
N PRO A 239 -0.20 -9.59 13.21
CA PRO A 239 -0.51 -9.60 11.77
C PRO A 239 -1.88 -9.03 11.44
N GLY A 240 -1.98 -7.71 11.37
CA GLY A 240 -3.19 -7.04 10.91
C GLY A 240 -3.39 -7.19 9.42
N ASP A 241 -4.63 -7.47 9.02
CA ASP A 241 -5.02 -7.50 7.61
C ASP A 241 -5.39 -6.13 7.04
N SER A 242 -5.37 -5.07 7.88
CA SER A 242 -5.72 -3.69 7.50
C SER A 242 -5.21 -2.71 8.60
N ASP A 243 -5.26 -1.40 8.36
CA ASP A 243 -4.88 -0.41 9.38
C ASP A 243 -5.74 -0.47 10.64
N LEU A 244 -7.08 -0.58 10.49
CA LEU A 244 -7.96 -0.72 11.67
C LEU A 244 -7.79 -2.04 12.38
N ASP A 245 -7.66 -3.18 11.62
CA ASP A 245 -7.38 -4.48 12.24
C ASP A 245 -6.07 -4.43 13.00
N GLN A 246 -5.07 -3.68 12.51
CA GLN A 246 -3.78 -3.60 13.17
C GLN A 246 -3.93 -2.98 14.56
N LEU A 247 -4.74 -1.90 14.68
CA LEU A 247 -5.05 -1.34 16.00
C LEU A 247 -5.92 -2.30 16.85
N THR A 248 -6.90 -2.99 16.25
CA THR A 248 -7.66 -4.06 16.96
C THR A 248 -6.71 -5.08 17.63
N ARG A 249 -5.75 -5.64 16.87
CA ARG A 249 -4.80 -6.65 17.34
C ARG A 249 -3.85 -6.12 18.39
N ILE A 250 -3.34 -4.89 18.20
CA ILE A 250 -2.52 -4.21 19.20
C ILE A 250 -3.31 -4.14 20.53
N PHE A 251 -4.50 -3.55 20.53
CA PHE A 251 -5.25 -3.33 21.77
C PHE A 251 -5.81 -4.64 22.33
N GLU A 252 -6.18 -5.62 21.50
CA GLU A 252 -6.58 -6.95 22.01
C GLU A 252 -5.36 -7.73 22.64
N THR A 253 -4.12 -7.51 22.15
CA THR A 253 -2.94 -8.16 22.72
C THR A 253 -2.45 -7.39 23.97
N LEU A 254 -2.29 -6.08 23.88
CA LEU A 254 -1.58 -5.25 24.87
C LEU A 254 -2.47 -4.38 25.78
N GLY A 255 -3.77 -4.34 25.50
CA GLY A 255 -4.72 -3.57 26.29
C GLY A 255 -5.02 -2.23 25.66
N THR A 256 -6.31 -1.84 25.61
CA THR A 256 -6.71 -0.55 25.04
C THR A 256 -6.32 0.55 26.03
N PRO A 257 -5.39 1.47 25.68
CA PRO A 257 -4.87 2.41 26.69
C PRO A 257 -5.84 3.54 27.09
N THR A 258 -5.39 4.36 28.05
CA THR A 258 -6.11 5.46 28.70
C THR A 258 -5.38 6.81 28.45
N GLU A 259 -5.98 7.94 28.91
CA GLU A 259 -5.26 9.22 28.97
C GLU A 259 -4.10 9.19 30.02
N GLU A 260 -4.02 8.15 30.89
CA GLU A 260 -2.89 8.00 31.82
C GLU A 260 -1.73 7.29 31.12
N GLN A 261 -2.02 6.17 30.42
CA GLN A 261 -1.01 5.45 29.65
C GLN A 261 -0.49 6.30 28.49
N TRP A 262 -1.36 7.14 27.88
CA TRP A 262 -1.04 7.92 26.71
C TRP A 262 -1.81 9.28 26.78
N PRO A 263 -1.18 10.38 27.26
CA PRO A 263 -1.97 11.61 27.52
C PRO A 263 -2.61 12.27 26.30
N ASP A 264 -1.83 12.62 25.26
CA ASP A 264 -2.37 13.32 24.08
C ASP A 264 -2.95 12.35 23.04
N MET A 265 -3.31 11.10 23.42
CA MET A 265 -3.84 10.08 22.50
C MET A 265 -5.14 10.56 21.83
N CYS A 266 -6.08 11.11 22.63
CA CYS A 266 -7.38 11.56 22.11
C CYS A 266 -7.27 12.74 21.14
N SER A 267 -6.13 13.48 21.13
CA SER A 267 -5.90 14.57 20.20
C SER A 267 -5.02 14.20 19.00
N LEU A 268 -4.86 12.89 18.68
CA LEU A 268 -4.16 12.50 17.44
C LEU A 268 -5.07 12.69 16.23
N PRO A 269 -4.50 12.92 15.01
CA PRO A 269 -5.35 13.33 13.87
C PRO A 269 -6.41 12.33 13.47
N ASP A 270 -6.12 11.04 13.65
CA ASP A 270 -7.02 9.94 13.31
C ASP A 270 -7.41 9.13 14.56
N TYR A 271 -7.35 9.71 15.80
CA TYR A 271 -7.80 8.94 16.98
C TYR A 271 -9.29 8.63 16.84
N VAL A 272 -9.69 7.41 17.24
CA VAL A 272 -11.06 6.94 17.16
C VAL A 272 -11.36 5.96 18.31
N THR A 273 -12.53 6.12 18.97
CA THR A 273 -12.92 5.35 20.18
C THR A 273 -13.00 3.85 19.90
N PHE A 274 -11.99 3.09 20.33
CA PHE A 274 -11.96 1.64 20.15
C PHE A 274 -12.66 0.91 21.32
N LYS A 275 -12.99 -0.38 21.12
CA LYS A 275 -13.43 -1.26 22.22
C LYS A 275 -12.37 -1.33 23.30
N SER A 276 -12.76 -1.27 24.59
CA SER A 276 -11.81 -1.57 25.64
C SER A 276 -11.47 -3.06 25.64
N PHE A 277 -10.17 -3.40 25.77
CA PHE A 277 -9.69 -4.76 25.97
C PHE A 277 -8.72 -4.79 27.14
N PRO A 278 -8.77 -5.80 28.03
CA PRO A 278 -7.80 -5.85 29.16
C PRO A 278 -6.37 -6.11 28.67
N GLY A 279 -6.24 -6.94 27.62
CA GLY A 279 -4.97 -7.37 27.08
C GLY A 279 -4.44 -8.57 27.80
N ILE A 280 -3.67 -9.37 27.09
CA ILE A 280 -3.05 -10.58 27.63
C ILE A 280 -1.80 -10.16 28.44
N PRO A 281 -1.49 -10.77 29.60
CA PRO A 281 -0.18 -10.49 30.23
C PRO A 281 1.00 -11.09 29.47
N LEU A 282 2.12 -10.35 29.38
CA LEU A 282 3.28 -10.75 28.58
C LEU A 282 3.96 -12.03 29.03
N HIS A 283 3.78 -12.49 30.29
CA HIS A 283 4.26 -13.80 30.70
C HIS A 283 3.41 -14.98 30.13
N HIS A 284 2.19 -14.71 29.60
CA HIS A 284 1.39 -15.73 28.92
C HIS A 284 1.84 -15.90 27.46
N ILE A 285 2.07 -14.79 26.77
CA ILE A 285 2.48 -14.81 25.36
C ILE A 285 3.91 -15.31 25.27
N PHE A 286 4.79 -14.80 26.16
CA PHE A 286 6.24 -15.11 26.17
C PHE A 286 6.50 -15.92 27.40
N SER A 287 6.03 -17.15 27.35
CA SER A 287 5.96 -18.04 28.50
C SER A 287 7.31 -18.58 28.94
N ALA A 288 8.30 -18.65 28.01
CA ALA A 288 9.67 -19.05 28.33
C ALA A 288 10.58 -17.87 28.73
N ALA A 289 10.17 -16.62 28.41
CA ALA A 289 10.97 -15.43 28.74
C ALA A 289 11.12 -15.23 30.26
N GLY A 290 12.33 -14.83 30.68
CA GLY A 290 12.60 -14.39 32.04
C GLY A 290 12.17 -12.95 32.25
N ASP A 291 12.05 -12.55 33.52
CA ASP A 291 11.64 -11.18 33.91
C ASP A 291 12.50 -10.07 33.30
N ASP A 292 13.82 -10.27 33.15
CA ASP A 292 14.71 -9.29 32.53
C ASP A 292 14.30 -8.99 31.09
N LEU A 293 14.00 -10.05 30.31
CA LEU A 293 13.49 -9.97 28.94
C LEU A 293 12.02 -9.47 28.88
N LEU A 294 11.16 -9.87 29.82
CA LEU A 294 9.78 -9.37 29.87
C LEU A 294 9.75 -7.87 30.09
N ASP A 295 10.73 -7.30 30.84
CA ASP A 295 10.78 -5.85 31.04
C ASP A 295 11.31 -5.12 29.80
N LEU A 296 12.20 -5.75 29.02
CA LEU A 296 12.62 -5.19 27.73
C LEU A 296 11.43 -5.06 26.77
N ILE A 297 10.62 -6.10 26.67
CA ILE A 297 9.42 -6.16 25.80
C ILE A 297 8.40 -5.07 26.25
N GLN A 298 7.98 -5.12 27.53
CA GLN A 298 7.15 -4.13 28.20
C GLN A 298 7.61 -2.70 27.96
N GLY A 299 8.92 -2.45 27.96
CA GLY A 299 9.50 -1.15 27.66
C GLY A 299 9.39 -0.69 26.21
N LEU A 300 9.50 -1.61 25.24
CA LEU A 300 9.43 -1.27 23.81
C LEU A 300 8.00 -1.20 23.29
N PHE A 301 7.00 -1.69 24.06
CA PHE A 301 5.60 -1.72 23.65
C PHE A 301 4.74 -0.76 24.49
N LEU A 302 5.34 0.23 25.16
CA LEU A 302 4.55 1.24 25.88
C LEU A 302 3.86 2.10 24.83
N PHE A 303 2.56 2.38 25.01
CA PHE A 303 1.79 3.20 24.08
C PHE A 303 2.30 4.67 23.97
N ASN A 304 2.54 5.36 25.10
CA ASN A 304 3.05 6.74 25.09
C ASN A 304 4.43 6.77 24.39
N PRO A 305 4.57 7.43 23.21
CA PRO A 305 5.87 7.42 22.52
C PRO A 305 7.09 7.95 23.28
N CYS A 306 6.86 8.87 24.25
CA CYS A 306 7.92 9.49 25.06
C CYS A 306 8.29 8.64 26.29
N ALA A 307 7.31 7.87 26.84
CA ALA A 307 7.58 6.83 27.85
C ALA A 307 8.36 5.67 27.24
N ARG A 308 8.09 5.34 25.95
CA ARG A 308 8.67 4.20 25.25
C ARG A 308 10.18 4.27 25.33
N ILE A 309 10.80 3.12 25.63
N ILE A 309 10.81 3.14 25.68
CA ILE A 309 12.23 3.00 25.90
CA ILE A 309 12.26 3.16 25.92
C ILE A 309 13.04 3.34 24.62
C ILE A 309 13.03 3.40 24.62
N THR A 310 14.18 4.06 24.74
CA THR A 310 15.05 4.36 23.59
C THR A 310 16.01 3.19 23.34
N ALA A 311 16.82 3.24 22.24
CA ALA A 311 17.86 2.26 21.97
C ALA A 311 18.91 2.25 23.08
N THR A 312 19.23 3.41 23.65
CA THR A 312 20.23 3.50 24.70
C THR A 312 19.69 2.91 26.01
N GLN A 313 18.44 3.22 26.37
CA GLN A 313 17.83 2.68 27.57
C GLN A 313 17.65 1.18 27.48
N ALA A 314 17.25 0.66 26.29
CA ALA A 314 17.24 -0.77 25.99
C ALA A 314 18.61 -1.42 26.28
N LEU A 315 19.73 -0.87 25.77
CA LEU A 315 21.05 -1.48 25.93
C LEU A 315 21.57 -1.37 27.41
N LYS A 316 21.02 -0.42 28.20
CA LYS A 316 21.32 -0.29 29.61
C LYS A 316 20.45 -1.21 30.51
N MET A 317 19.58 -2.08 29.91
CA MET A 317 18.74 -2.96 30.71
C MET A 317 19.46 -4.21 31.11
N LYS A 318 19.11 -4.77 32.28
CA LYS A 318 19.90 -5.83 32.88
C LYS A 318 20.01 -7.03 31.97
N TYR A 319 18.95 -7.32 31.16
CA TYR A 319 18.93 -8.45 30.20
C TYR A 319 20.23 -8.59 29.41
N PHE A 320 20.84 -7.46 29.03
CA PHE A 320 22.07 -7.43 28.23
C PHE A 320 23.39 -7.68 29.01
N SER A 321 23.39 -7.43 30.36
CA SER A 321 24.45 -7.81 31.29
C SER A 321 24.17 -9.13 32.06
N ASN A 322 22.94 -9.65 32.00
CA ASN A 322 22.62 -10.93 32.66
C ASN A 322 23.12 -12.13 31.84
N ARG A 323 23.15 -13.31 32.47
CA ARG A 323 23.50 -14.57 31.81
C ARG A 323 22.23 -15.21 31.27
N PRO A 324 22.31 -15.86 30.10
CA PRO A 324 23.50 -16.14 29.29
C PRO A 324 23.75 -14.99 28.32
N GLY A 325 24.97 -14.48 28.28
CA GLY A 325 25.34 -13.43 27.35
C GLY A 325 25.24 -13.90 25.91
N PRO A 326 25.29 -12.93 24.99
CA PRO A 326 24.98 -13.24 23.60
C PRO A 326 25.98 -14.19 22.94
N THR A 327 25.49 -14.93 21.94
CA THR A 327 26.31 -15.87 21.15
C THR A 327 27.38 -15.14 20.31
N PRO A 328 28.63 -15.67 20.25
CA PRO A 328 29.58 -15.16 19.25
C PRO A 328 29.00 -15.20 17.82
N GLY A 329 29.38 -14.25 16.97
CA GLY A 329 28.83 -14.10 15.64
C GLY A 329 28.94 -15.36 14.85
N CYS A 330 30.17 -15.93 14.89
CA CYS A 330 30.58 -17.15 14.19
C CYS A 330 29.76 -18.41 14.59
N GLN A 331 29.07 -18.42 15.76
CA GLN A 331 28.22 -19.55 16.18
C GLN A 331 26.73 -19.26 16.10
N LEU A 332 26.31 -18.25 15.33
CA LEU A 332 24.88 -18.02 15.16
C LEU A 332 24.35 -18.97 14.10
N PRO A 333 23.09 -19.43 14.27
CA PRO A 333 22.61 -20.51 13.41
C PRO A 333 22.59 -20.07 11.95
N ARG A 334 22.82 -21.09 11.05
CA ARG A 334 23.15 -20.90 9.63
C ARG A 334 22.19 -21.68 8.74
N PRO A 335 21.34 -21.02 7.92
CA PRO A 335 20.56 -21.77 6.93
C PRO A 335 21.33 -22.19 5.70
N ASN A 336 20.75 -23.15 4.92
CA ASN A 336 21.19 -23.58 3.57
C ASN A 336 19.97 -23.93 2.69
N LYS B 35 8.70 -9.97 -32.66
CA LYS B 35 8.74 -10.54 -34.01
C LYS B 35 7.52 -10.10 -34.82
N ARG B 36 6.30 -10.26 -34.24
CA ARG B 36 5.04 -9.93 -34.92
C ARG B 36 4.59 -8.48 -34.68
N TYR B 37 5.15 -7.80 -33.64
CA TYR B 37 4.86 -6.40 -33.35
C TYR B 37 6.11 -5.52 -33.51
N GLU B 38 5.90 -4.25 -33.92
CA GLU B 38 6.95 -3.25 -34.13
C GLU B 38 6.93 -2.32 -32.89
N LYS B 39 7.85 -2.53 -31.95
CA LYS B 39 7.84 -1.81 -30.67
C LYS B 39 8.08 -0.31 -30.87
N LEU B 40 7.03 0.51 -30.74
CA LEU B 40 7.11 1.94 -31.04
C LEU B 40 7.58 2.77 -29.81
N ASP B 41 6.79 2.84 -28.72
CA ASP B 41 7.10 3.69 -27.57
C ASP B 41 6.99 2.95 -26.24
N PHE B 42 7.75 3.42 -25.23
CA PHE B 42 7.66 2.90 -23.87
C PHE B 42 6.60 3.72 -23.16
N LEU B 43 5.53 3.07 -22.72
CA LEU B 43 4.37 3.72 -22.11
C LEU B 43 4.42 3.77 -20.58
N GLY B 44 5.29 2.99 -19.93
CA GLY B 44 5.46 3.04 -18.49
C GLY B 44 5.59 1.68 -17.84
N GLU B 45 5.61 1.65 -16.51
CA GLU B 45 5.61 0.40 -15.74
C GLU B 45 4.90 0.57 -14.39
N GLY B 46 4.46 -0.53 -13.80
CA GLY B 46 3.71 -0.54 -12.54
C GLY B 46 4.22 -1.57 -11.56
N GLN B 47 3.48 -2.67 -11.36
CA GLN B 47 3.90 -3.79 -10.51
C GLN B 47 4.11 -5.00 -11.41
N PHE B 48 5.36 -5.21 -11.83
CA PHE B 48 5.76 -6.25 -12.77
C PHE B 48 4.87 -6.26 -14.03
N ALA B 49 5.04 -5.24 -14.87
CA ALA B 49 4.41 -5.12 -16.19
C ALA B 49 4.94 -3.89 -16.91
N THR B 50 5.82 -4.09 -17.91
CA THR B 50 6.34 -2.99 -18.70
C THR B 50 5.39 -2.85 -19.88
N VAL B 51 4.79 -1.67 -20.07
CA VAL B 51 3.76 -1.45 -21.10
C VAL B 51 4.39 -0.72 -22.29
N TYR B 52 3.89 -1.01 -23.51
CA TYR B 52 4.52 -0.52 -24.76
C TYR B 52 3.50 -0.21 -25.82
N LYS B 53 3.66 0.91 -26.53
CA LYS B 53 2.94 1.14 -27.77
C LYS B 53 3.64 0.32 -28.88
N ALA B 54 2.88 -0.28 -29.80
CA ALA B 54 3.44 -1.12 -30.86
C ALA B 54 2.50 -1.23 -32.08
N ARG B 55 3.03 -1.64 -33.24
CA ARG B 55 2.25 -1.81 -34.48
C ARG B 55 2.16 -3.31 -34.80
N ASP B 56 0.93 -3.80 -35.05
CA ASP B 56 0.68 -5.19 -35.44
C ASP B 56 1.21 -5.31 -36.88
N LYS B 57 2.32 -6.03 -37.09
CA LYS B 57 3.05 -5.95 -38.37
C LYS B 57 2.35 -6.62 -39.56
N ASN B 58 1.11 -7.14 -39.37
CA ASN B 58 0.30 -7.86 -40.37
C ASN B 58 -0.92 -7.04 -40.79
N THR B 59 -1.56 -6.39 -39.80
CA THR B 59 -2.77 -5.58 -40.00
C THR B 59 -2.49 -4.05 -39.91
N ASN B 60 -1.24 -3.64 -39.56
CA ASN B 60 -0.80 -2.25 -39.43
C ASN B 60 -1.56 -1.47 -38.34
N GLN B 61 -2.21 -2.19 -37.41
CA GLN B 61 -3.06 -1.63 -36.35
C GLN B 61 -2.18 -1.30 -35.15
N ILE B 62 -2.39 -0.14 -34.54
CA ILE B 62 -1.61 0.24 -33.36
C ILE B 62 -2.24 -0.44 -32.12
N VAL B 63 -1.39 -1.00 -31.25
CA VAL B 63 -1.79 -1.78 -30.07
C VAL B 63 -1.02 -1.29 -28.80
N ALA B 64 -1.41 -1.80 -27.64
CA ALA B 64 -0.67 -1.67 -26.42
C ALA B 64 -0.36 -3.05 -25.96
N ILE B 65 0.89 -3.50 -26.14
CA ILE B 65 1.37 -4.74 -25.54
C ILE B 65 1.67 -4.44 -24.05
N LYS B 66 1.30 -5.37 -23.14
CA LYS B 66 1.56 -5.24 -21.71
C LYS B 66 2.52 -6.34 -21.23
N LYS B 67 3.70 -6.46 -21.88
CA LYS B 67 4.80 -7.42 -21.56
C LYS B 67 5.07 -7.67 -20.06
N ILE B 68 4.42 -8.69 -19.46
CA ILE B 68 4.74 -9.08 -18.07
C ILE B 68 6.04 -9.89 -18.08
N ASN B 81 2.77 -14.92 -12.74
CA ASN B 81 1.93 -15.64 -11.78
C ASN B 81 0.47 -15.07 -11.88
N ARG B 82 -0.30 -14.97 -10.77
CA ARG B 82 -1.76 -14.98 -10.81
C ARG B 82 -2.42 -13.79 -11.53
N THR B 83 -1.89 -12.58 -11.36
CA THR B 83 -2.50 -11.38 -11.94
C THR B 83 -2.42 -11.41 -13.48
N ALA B 84 -1.41 -12.09 -14.04
CA ALA B 84 -1.30 -12.30 -15.47
C ALA B 84 -2.50 -13.17 -15.94
N LEU B 85 -2.69 -14.39 -15.38
CA LEU B 85 -3.79 -15.27 -15.74
C LEU B 85 -5.18 -14.77 -15.26
N ARG B 86 -5.23 -13.71 -14.43
CA ARG B 86 -6.50 -13.11 -14.02
C ARG B 86 -7.06 -12.30 -15.20
N GLU B 87 -6.22 -11.42 -15.75
CA GLU B 87 -6.53 -10.64 -16.92
C GLU B 87 -6.77 -11.55 -18.15
N ILE B 88 -6.04 -12.70 -18.28
CA ILE B 88 -6.11 -13.53 -19.49
C ILE B 88 -7.44 -14.25 -19.51
N LYS B 89 -7.79 -14.92 -18.40
CA LYS B 89 -8.94 -15.77 -18.38
C LYS B 89 -10.22 -14.90 -18.58
N LEU B 90 -10.46 -13.94 -17.70
CA LEU B 90 -11.59 -12.99 -17.77
C LEU B 90 -11.94 -12.24 -19.09
N LEU B 91 -10.95 -11.85 -19.97
CA LEU B 91 -11.21 -10.88 -21.07
C LEU B 91 -11.36 -11.46 -22.49
N GLN B 92 -10.58 -12.46 -22.86
CA GLN B 92 -10.75 -13.11 -24.21
C GLN B 92 -12.17 -13.66 -24.36
N GLU B 93 -12.74 -14.11 -23.24
CA GLU B 93 -14.17 -14.28 -22.95
C GLU B 93 -15.08 -13.10 -23.43
N LEU B 94 -14.83 -11.88 -22.92
CA LEU B 94 -15.76 -10.78 -22.95
C LEU B 94 -15.71 -9.99 -24.23
N SER B 95 -16.86 -9.41 -24.61
CA SER B 95 -16.95 -8.50 -25.73
C SER B 95 -17.96 -7.39 -25.51
N HIS B 96 -17.49 -6.10 -25.57
CA HIS B 96 -18.40 -5.00 -25.40
C HIS B 96 -17.66 -3.69 -25.75
N PRO B 97 -18.37 -2.73 -26.37
CA PRO B 97 -17.72 -1.47 -26.76
C PRO B 97 -16.98 -0.73 -25.68
N ASN B 98 -17.44 -0.90 -24.42
CA ASN B 98 -16.99 -0.13 -23.30
C ASN B 98 -16.18 -0.97 -22.36
N ILE B 99 -15.53 -2.03 -22.86
CA ILE B 99 -14.48 -2.75 -22.17
C ILE B 99 -13.28 -2.80 -23.09
N ILE B 100 -12.09 -2.99 -22.50
N ILE B 100 -12.07 -2.97 -22.52
CA ILE B 100 -10.84 -3.26 -23.24
CA ILE B 100 -10.89 -3.28 -23.35
C ILE B 100 -10.87 -4.67 -23.87
C ILE B 100 -10.95 -4.66 -23.93
N GLY B 101 -10.46 -4.77 -25.16
CA GLY B 101 -10.40 -6.06 -25.89
C GLY B 101 -9.01 -6.63 -25.98
N LEU B 102 -8.86 -7.92 -25.53
CA LEU B 102 -7.61 -8.70 -25.58
C LEU B 102 -7.53 -9.33 -26.97
N LEU B 103 -6.58 -8.87 -27.76
CA LEU B 103 -6.46 -9.15 -29.19
C LEU B 103 -5.51 -10.33 -29.50
N ASP B 104 -4.52 -10.59 -28.62
CA ASP B 104 -3.54 -11.68 -28.78
C ASP B 104 -2.68 -11.79 -27.49
N ALA B 105 -1.86 -12.87 -27.35
CA ALA B 105 -1.06 -13.14 -26.13
C ALA B 105 -0.05 -14.29 -26.36
N PHE B 106 1.09 -14.30 -25.63
CA PHE B 106 2.13 -15.31 -25.86
C PHE B 106 3.23 -15.36 -24.76
N GLY B 107 4.07 -16.39 -24.79
CA GLY B 107 5.27 -16.53 -23.96
C GLY B 107 6.50 -15.96 -24.64
N SER B 110 10.10 -17.19 -19.19
CA SER B 110 9.43 -16.65 -20.38
C SER B 110 8.27 -15.70 -19.96
N ASN B 111 8.40 -14.40 -20.29
CA ASN B 111 7.43 -13.36 -19.91
C ASN B 111 6.12 -13.44 -20.72
N ILE B 112 5.02 -12.99 -20.12
CA ILE B 112 3.69 -13.21 -20.68
C ILE B 112 3.20 -11.89 -21.28
N SER B 113 3.03 -11.86 -22.62
CA SER B 113 2.70 -10.61 -23.32
C SER B 113 1.20 -10.59 -23.61
N LEU B 114 0.55 -9.44 -23.39
CA LEU B 114 -0.91 -9.33 -23.51
C LEU B 114 -1.21 -8.12 -24.38
N VAL B 115 -1.87 -8.34 -25.52
CA VAL B 115 -2.07 -7.35 -26.56
C VAL B 115 -3.49 -6.80 -26.48
N PHE B 116 -3.61 -5.48 -26.49
CA PHE B 116 -4.87 -4.80 -26.27
C PHE B 116 -4.97 -3.65 -27.21
N ASP B 117 -6.19 -3.17 -27.42
CA ASP B 117 -6.44 -1.90 -28.10
C ASP B 117 -5.56 -0.76 -27.49
N PHE B 118 -5.07 0.18 -28.30
CA PHE B 118 -4.35 1.30 -27.76
C PHE B 118 -5.38 2.45 -27.60
N MET B 119 -5.17 3.21 -26.55
CA MET B 119 -6.08 4.22 -26.12
C MET B 119 -5.24 5.43 -26.06
N GLU B 120 -5.52 6.41 -26.90
CA GLU B 120 -4.70 7.61 -26.98
C GLU B 120 -4.67 8.44 -25.67
N THR B 121 -5.76 8.49 -24.89
CA THR B 121 -5.81 9.32 -23.66
C THR B 121 -6.69 8.57 -22.59
N ASP B 122 -6.84 9.16 -21.36
CA ASP B 122 -7.66 8.57 -20.29
C ASP B 122 -8.36 9.65 -19.45
N LEU B 123 -9.32 9.28 -18.58
CA LEU B 123 -10.08 10.28 -17.78
C LEU B 123 -9.25 11.05 -16.77
N GLU B 124 -8.09 10.49 -16.33
CA GLU B 124 -7.23 11.26 -15.42
C GLU B 124 -6.62 12.43 -16.22
N VAL B 125 -6.17 12.17 -17.48
CA VAL B 125 -5.56 13.20 -18.33
C VAL B 125 -6.57 14.30 -18.58
N ILE B 126 -7.82 13.94 -18.91
CA ILE B 126 -8.89 14.91 -19.21
CA ILE B 126 -8.84 14.95 -19.22
C ILE B 126 -9.13 15.77 -17.97
N ILE B 127 -9.25 15.13 -16.78
CA ILE B 127 -9.51 15.79 -15.51
C ILE B 127 -8.39 16.83 -15.25
N LYS B 128 -7.11 16.39 -15.38
CA LYS B 128 -5.97 17.22 -15.06
C LYS B 128 -5.70 18.38 -16.04
N ASP B 129 -6.18 18.27 -17.30
CA ASP B 129 -5.89 19.22 -18.37
C ASP B 129 -6.74 20.49 -18.25
N ASN B 130 -6.09 21.64 -17.98
CA ASN B 130 -6.79 22.88 -17.66
C ASN B 130 -7.40 23.54 -18.92
N SER B 131 -6.81 23.33 -20.14
CA SER B 131 -7.41 23.84 -21.40
C SER B 131 -8.82 23.33 -21.70
N LEU B 132 -9.23 22.20 -21.09
CA LEU B 132 -10.54 21.60 -21.36
C LEU B 132 -11.52 21.95 -20.29
N VAL B 133 -12.67 22.48 -20.72
CA VAL B 133 -13.80 22.65 -19.81
C VAL B 133 -14.72 21.47 -20.05
N LEU B 134 -15.30 20.96 -18.96
CA LEU B 134 -16.27 19.89 -19.01
C LEU B 134 -17.70 20.47 -18.89
N THR B 135 -18.45 20.43 -19.98
CA THR B 135 -19.86 20.80 -19.98
C THR B 135 -20.72 19.64 -19.40
N PRO B 136 -21.93 19.91 -18.89
CA PRO B 136 -22.82 18.81 -18.43
C PRO B 136 -22.98 17.59 -19.33
N SER B 137 -22.83 17.80 -20.62
CA SER B 137 -23.08 16.81 -21.64
C SER B 137 -21.87 15.90 -21.80
N HIS B 138 -20.60 16.44 -21.69
CA HIS B 138 -19.42 15.58 -21.72
C HIS B 138 -19.46 14.62 -20.53
N ILE B 139 -19.86 15.13 -19.35
CA ILE B 139 -19.88 14.31 -18.16
C ILE B 139 -20.90 13.20 -18.26
N LYS B 140 -22.08 13.51 -18.83
CA LYS B 140 -23.13 12.53 -19.01
C LYS B 140 -22.68 11.42 -19.95
N ALA B 141 -21.88 11.75 -20.95
CA ALA B 141 -21.38 10.79 -21.91
C ALA B 141 -20.29 9.91 -21.27
N TYR B 142 -19.34 10.48 -20.49
CA TYR B 142 -18.34 9.74 -19.73
C TYR B 142 -19.02 8.76 -18.78
N MET B 143 -20.11 9.19 -18.13
N MET B 143 -20.12 9.20 -18.13
CA MET B 143 -20.85 8.36 -17.19
CA MET B 143 -20.88 8.37 -17.20
C MET B 143 -21.67 7.29 -17.89
C MET B 143 -21.65 7.29 -17.92
N LEU B 144 -22.30 7.62 -19.02
CA LEU B 144 -23.07 6.63 -19.78
C LEU B 144 -22.19 5.49 -20.23
N MET B 145 -20.99 5.82 -20.81
CA MET B 145 -20.00 4.83 -21.25
CA MET B 145 -20.02 4.81 -21.24
C MET B 145 -19.52 3.97 -20.06
N THR B 146 -19.08 4.65 -18.92
CA THR B 146 -18.58 3.92 -17.74
C THR B 146 -19.62 2.93 -17.26
N LEU B 147 -20.87 3.39 -17.16
CA LEU B 147 -21.91 2.63 -16.53
C LEU B 147 -22.37 1.48 -17.43
N GLN B 148 -22.51 1.70 -18.73
CA GLN B 148 -22.84 0.64 -19.64
C GLN B 148 -21.75 -0.48 -19.66
N GLY B 149 -20.47 -0.14 -19.65
CA GLY B 149 -19.41 -1.10 -19.40
C GLY B 149 -19.48 -1.81 -18.07
N LEU B 150 -19.73 -1.07 -16.95
CA LEU B 150 -19.90 -1.77 -15.67
C LEU B 150 -21.16 -2.67 -15.49
N GLU B 151 -22.31 -2.29 -16.10
CA GLU B 151 -23.52 -3.04 -16.04
C GLU B 151 -23.29 -4.38 -16.76
N TYR B 152 -22.61 -4.32 -17.93
CA TYR B 152 -22.11 -5.45 -18.67
C TYR B 152 -21.34 -6.40 -17.81
N LEU B 153 -20.22 -5.93 -17.16
CA LEU B 153 -19.41 -6.79 -16.30
C LEU B 153 -20.26 -7.36 -15.18
N HIS B 154 -20.93 -6.49 -14.40
CA HIS B 154 -21.74 -6.90 -13.26
C HIS B 154 -22.90 -7.92 -13.61
N GLN B 155 -23.40 -7.89 -14.86
CA GLN B 155 -24.29 -8.91 -15.40
C GLN B 155 -23.55 -10.20 -15.70
N HIS B 156 -22.26 -10.14 -16.07
CA HIS B 156 -21.39 -11.33 -16.18
C HIS B 156 -20.67 -11.71 -14.86
N ARG B 157 -21.24 -11.29 -13.71
CA ARG B 157 -20.75 -11.61 -12.37
C ARG B 157 -19.24 -11.39 -12.23
N ILE B 158 -18.80 -10.15 -12.58
CA ILE B 158 -17.41 -9.72 -12.51
C ILE B 158 -17.37 -8.38 -11.78
N LEU B 159 -16.52 -8.25 -10.77
CA LEU B 159 -16.22 -7.01 -10.05
C LEU B 159 -14.91 -6.55 -10.60
N HIS B 160 -14.80 -5.28 -11.09
CA HIS B 160 -13.57 -4.68 -11.60
C HIS B 160 -12.59 -4.51 -10.46
N ARG B 161 -13.05 -3.85 -9.36
CA ARG B 161 -12.34 -3.65 -8.09
C ARG B 161 -11.19 -2.65 -8.14
N ASP B 162 -11.04 -1.94 -9.22
CA ASP B 162 -9.96 -0.97 -9.35
C ASP B 162 -10.38 0.25 -10.17
N LEU B 163 -11.66 0.62 -10.13
CA LEU B 163 -12.12 1.73 -10.91
C LEU B 163 -11.53 3.05 -10.42
N LYS B 164 -10.95 3.78 -11.34
CA LYS B 164 -10.40 5.06 -11.09
C LYS B 164 -10.17 5.75 -12.41
N PRO B 165 -10.11 7.07 -12.41
CA PRO B 165 -10.01 7.80 -13.69
C PRO B 165 -8.95 7.29 -14.66
N ASN B 166 -7.77 6.86 -14.17
CA ASN B 166 -6.70 6.46 -15.09
C ASN B 166 -6.93 5.06 -15.76
N ASN B 167 -7.89 4.21 -15.24
CA ASN B 167 -8.36 2.97 -15.87
C ASN B 167 -9.63 3.12 -16.73
N LEU B 168 -10.13 4.34 -16.84
CA LEU B 168 -11.16 4.67 -17.83
C LEU B 168 -10.43 5.31 -18.95
N LEU B 169 -10.26 4.57 -20.02
CA LEU B 169 -9.44 4.95 -21.17
C LEU B 169 -10.28 5.45 -22.35
N LEU B 170 -9.86 6.48 -23.12
CA LEU B 170 -10.56 6.81 -24.39
C LEU B 170 -9.76 6.76 -25.66
N ASP B 171 -10.44 6.46 -26.80
CA ASP B 171 -9.81 6.41 -28.13
C ASP B 171 -10.00 7.72 -28.93
N GLU B 172 -9.34 7.81 -30.12
CA GLU B 172 -9.47 8.89 -31.12
C GLU B 172 -10.95 9.35 -31.28
N ASN B 173 -11.88 8.35 -31.39
CA ASN B 173 -13.30 8.54 -31.61
C ASN B 173 -14.14 8.78 -30.36
N GLY B 174 -13.47 8.84 -29.20
CA GLY B 174 -14.10 9.15 -27.93
C GLY B 174 -14.95 8.02 -27.42
N VAL B 175 -14.52 6.78 -27.59
CA VAL B 175 -15.19 5.66 -26.96
C VAL B 175 -14.43 5.33 -25.72
N LEU B 176 -15.09 5.42 -24.56
CA LEU B 176 -14.43 5.09 -23.31
CA LEU B 176 -14.45 5.10 -23.30
C LEU B 176 -14.54 3.61 -23.09
N LYS B 177 -13.41 3.03 -22.68
CA LYS B 177 -13.23 1.61 -22.51
C LYS B 177 -12.61 1.39 -21.14
N LEU B 178 -13.18 0.44 -20.39
CA LEU B 178 -12.77 0.13 -19.04
C LEU B 178 -11.57 -0.79 -19.17
N ALA B 179 -10.45 -0.51 -18.44
CA ALA B 179 -9.17 -1.30 -18.53
C ALA B 179 -8.61 -1.76 -17.16
N ASP B 180 -7.51 -2.57 -17.17
CA ASP B 180 -6.75 -3.05 -16.02
C ASP B 180 -7.62 -4.00 -15.18
N PHE B 181 -7.78 -5.19 -15.72
CA PHE B 181 -8.53 -6.30 -15.10
C PHE B 181 -7.62 -7.25 -14.33
N GLY B 182 -6.58 -6.72 -13.71
CA GLY B 182 -5.60 -7.49 -12.93
C GLY B 182 -5.96 -7.64 -11.46
N LEU B 183 -6.88 -6.81 -10.96
CA LEU B 183 -7.58 -6.93 -9.66
C LEU B 183 -9.00 -7.47 -9.83
N ALA B 184 -9.51 -7.69 -11.07
CA ALA B 184 -10.92 -8.08 -11.25
C ALA B 184 -11.20 -9.43 -10.62
N LYS B 185 -12.48 -9.71 -10.29
CA LYS B 185 -12.90 -11.08 -9.92
C LYS B 185 -14.39 -11.32 -9.94
N SER B 186 -14.77 -12.44 -10.55
CA SER B 186 -16.05 -13.14 -10.34
C SER B 186 -16.66 -13.00 -8.91
N PHE B 187 -17.96 -12.78 -8.87
CA PHE B 187 -18.74 -12.81 -7.64
C PHE B 187 -18.53 -14.10 -6.82
N GLY B 188 -18.27 -15.21 -7.51
CA GLY B 188 -18.14 -16.52 -6.89
C GLY B 188 -16.87 -16.81 -6.11
N ASP B 189 -15.71 -16.37 -6.66
CA ASP B 189 -14.40 -16.61 -6.04
C ASP B 189 -14.30 -16.15 -4.57
N PRO B 190 -13.58 -16.89 -3.70
CA PRO B 190 -13.47 -16.47 -2.30
C PRO B 190 -12.31 -15.51 -2.06
N ASN B 191 -12.44 -14.64 -1.05
CA ASN B 191 -11.38 -13.69 -0.68
C ASN B 191 -10.34 -14.37 0.23
N VAL B 198 -7.42 -4.64 -3.11
CA VAL B 198 -8.44 -3.65 -2.79
C VAL B 198 -8.10 -2.33 -3.46
N VAL B 199 -9.10 -1.62 -4.05
CA VAL B 199 -8.85 -0.38 -4.82
C VAL B 199 -7.98 0.61 -4.08
N THR B 200 -7.36 1.55 -4.82
CA THR B 200 -6.59 2.63 -4.21
C THR B 200 -7.48 3.53 -3.32
N ARG B 201 -6.92 3.93 -2.19
CA ARG B 201 -7.62 4.53 -1.03
C ARG B 201 -8.80 5.51 -1.33
N TRP B 202 -8.62 6.50 -2.26
CA TRP B 202 -9.58 7.57 -2.54
C TRP B 202 -10.93 7.13 -3.14
N TYR B 203 -10.97 5.98 -3.81
CA TYR B 203 -12.18 5.47 -4.51
C TYR B 203 -12.84 4.27 -3.75
N ARG B 204 -12.33 3.98 -2.53
CA ARG B 204 -12.61 2.81 -1.78
C ARG B 204 -13.82 3.05 -0.92
N ALA B 205 -14.74 2.09 -0.96
CA ALA B 205 -16.00 2.16 -0.23
C ALA B 205 -15.80 1.98 1.28
N PRO B 206 -16.74 2.44 2.13
CA PRO B 206 -16.49 2.38 3.57
C PRO B 206 -16.53 0.97 4.11
N GLU B 207 -17.33 0.06 3.50
CA GLU B 207 -17.32 -1.35 3.94
C GLU B 207 -15.92 -1.95 3.82
N LEU B 208 -15.23 -1.72 2.71
CA LEU B 208 -13.86 -2.24 2.54
C LEU B 208 -12.92 -1.62 3.56
N LEU B 209 -13.06 -0.33 3.89
CA LEU B 209 -12.20 0.31 4.88
C LEU B 209 -12.46 -0.18 6.31
N PHE B 210 -13.69 -0.55 6.63
CA PHE B 210 -14.02 -1.33 7.82
C PHE B 210 -13.79 -2.84 7.62
N GLY B 211 -12.88 -3.21 6.71
CA GLY B 211 -12.42 -4.58 6.50
C GLY B 211 -13.48 -5.60 6.17
N ALA B 212 -14.52 -5.24 5.39
CA ALA B 212 -15.53 -6.22 4.97
C ALA B 212 -14.87 -7.30 4.12
N ARG B 213 -15.28 -8.55 4.38
N ARG B 213 -15.27 -8.56 4.37
CA ARG B 213 -14.67 -9.75 3.82
CA ARG B 213 -14.64 -9.74 3.80
C ARG B 213 -15.40 -10.25 2.60
C ARG B 213 -15.40 -10.27 2.60
N MET B 214 -16.74 -10.18 2.63
CA MET B 214 -17.52 -10.34 1.40
C MET B 214 -18.32 -9.06 1.15
N TYR B 215 -18.62 -8.85 -0.11
CA TYR B 215 -19.09 -7.58 -0.63
C TYR B 215 -19.49 -7.79 -2.12
N GLY B 216 -19.87 -6.73 -2.81
CA GLY B 216 -20.42 -6.85 -4.15
C GLY B 216 -20.29 -5.63 -5.00
N VAL B 217 -21.26 -5.49 -5.91
N VAL B 217 -21.28 -5.39 -5.85
CA VAL B 217 -21.58 -4.33 -6.76
CA VAL B 217 -21.23 -4.30 -6.82
C VAL B 217 -21.10 -2.97 -6.17
C VAL B 217 -21.04 -2.91 -6.18
N GLY B 218 -21.49 -2.70 -4.92
CA GLY B 218 -21.31 -1.41 -4.25
C GLY B 218 -19.89 -0.88 -4.18
N VAL B 219 -18.95 -1.77 -4.18
CA VAL B 219 -17.53 -1.44 -4.21
C VAL B 219 -17.17 -0.70 -5.51
N ASP B 220 -17.61 -1.23 -6.63
CA ASP B 220 -17.47 -0.58 -7.91
C ASP B 220 -18.35 0.65 -8.06
N MET B 221 -19.55 0.63 -7.48
CA MET B 221 -20.46 1.78 -7.60
C MET B 221 -20.01 3.03 -6.80
N TRP B 222 -19.43 2.83 -5.61
CA TRP B 222 -18.86 3.89 -4.79
C TRP B 222 -17.72 4.56 -5.58
N ALA B 223 -16.79 3.74 -6.16
CA ALA B 223 -15.69 4.21 -7.02
C ALA B 223 -16.18 5.04 -8.20
N VAL B 224 -17.29 4.64 -8.87
CA VAL B 224 -17.93 5.41 -9.97
C VAL B 224 -18.38 6.77 -9.48
N GLY B 225 -18.94 6.82 -8.29
CA GLY B 225 -19.39 8.08 -7.70
C GLY B 225 -18.23 9.01 -7.44
N CYS B 226 -17.10 8.48 -6.92
CA CYS B 226 -15.87 9.25 -6.68
C CYS B 226 -15.34 9.82 -8.01
N ILE B 227 -15.45 9.04 -9.11
CA ILE B 227 -15.10 9.47 -10.48
C ILE B 227 -16.04 10.60 -10.97
N LEU B 228 -17.34 10.42 -10.83
CA LEU B 228 -18.31 11.50 -11.11
C LEU B 228 -18.00 12.81 -10.34
N ALA B 229 -17.75 12.72 -9.02
CA ALA B 229 -17.32 13.87 -8.22
C ALA B 229 -16.06 14.52 -8.76
N GLU B 230 -15.07 13.74 -9.20
CA GLU B 230 -13.82 14.27 -9.73
C GLU B 230 -14.03 14.88 -11.10
N LEU B 231 -14.96 14.36 -11.93
CA LEU B 231 -15.35 15.06 -13.16
C LEU B 231 -15.94 16.45 -12.87
N LEU B 232 -16.85 16.54 -11.90
CA LEU B 232 -17.56 17.76 -11.57
C LEU B 232 -16.68 18.77 -10.83
N LEU B 233 -15.88 18.30 -9.84
CA LEU B 233 -14.98 19.13 -9.05
C LEU B 233 -13.59 19.34 -9.68
N ARG B 234 -13.18 18.44 -10.54
CA ARG B 234 -11.90 18.45 -11.24
C ARG B 234 -10.68 18.25 -10.31
N VAL B 235 -10.92 17.97 -9.02
CA VAL B 235 -9.93 17.52 -8.03
C VAL B 235 -10.47 16.26 -7.38
N PRO B 236 -9.62 15.45 -6.70
CA PRO B 236 -10.15 14.26 -6.00
C PRO B 236 -11.13 14.62 -4.91
N PHE B 237 -12.20 13.85 -4.77
CA PHE B 237 -13.32 14.16 -3.88
C PHE B 237 -12.99 13.89 -2.41
N LEU B 238 -12.28 12.78 -2.14
CA LEU B 238 -11.97 12.25 -0.80
C LEU B 238 -10.51 11.75 -0.75
N PRO B 239 -9.55 12.71 -0.77
CA PRO B 239 -8.13 12.35 -0.72
C PRO B 239 -7.63 12.06 0.70
N GLY B 240 -7.87 10.86 1.19
CA GLY B 240 -7.29 10.40 2.45
C GLY B 240 -5.81 10.14 2.35
N ASP B 241 -5.06 10.57 3.38
CA ASP B 241 -3.64 10.26 3.52
C ASP B 241 -3.37 8.93 4.22
N SER B 242 -4.43 8.20 4.63
CA SER B 242 -4.34 6.90 5.31
C SER B 242 -5.73 6.21 5.30
N ASP B 243 -5.83 4.96 5.72
CA ASP B 243 -7.12 4.26 5.82
C ASP B 243 -8.08 4.92 6.81
N LEU B 244 -7.60 5.29 8.02
CA LEU B 244 -8.44 5.98 8.99
C LEU B 244 -8.81 7.40 8.55
N ASP B 245 -7.85 8.17 7.96
CA ASP B 245 -8.17 9.49 7.40
C ASP B 245 -9.22 9.38 6.30
N GLN B 246 -9.18 8.28 5.51
CA GLN B 246 -10.14 8.09 4.43
C GLN B 246 -11.56 7.99 5.00
N LEU B 247 -11.75 7.24 6.10
CA LEU B 247 -13.04 7.21 6.78
C LEU B 247 -13.38 8.56 7.43
N THR B 248 -12.41 9.26 8.05
CA THR B 248 -12.62 10.65 8.55
C THR B 248 -13.21 11.56 7.46
N ARG B 249 -12.60 11.59 6.26
CA ARG B 249 -13.03 12.42 5.13
C ARG B 249 -14.38 12.04 4.58
N ILE B 250 -14.64 10.73 4.46
CA ILE B 250 -15.95 10.21 4.06
C ILE B 250 -17.02 10.75 5.04
N PHE B 251 -16.87 10.50 6.32
CA PHE B 251 -17.88 10.88 7.31
C PHE B 251 -17.95 12.40 7.53
N GLU B 252 -16.83 13.13 7.42
CA GLU B 252 -16.87 14.60 7.48
C GLU B 252 -17.56 15.21 6.23
N THR B 253 -17.47 14.54 5.03
CA THR B 253 -18.14 15.02 3.82
C THR B 253 -19.62 14.61 3.81
N LEU B 254 -19.91 13.33 4.04
CA LEU B 254 -21.22 12.70 3.81
C LEU B 254 -22.06 12.40 5.06
N GLY B 255 -21.49 12.61 6.24
CA GLY B 255 -22.18 12.39 7.51
C GLY B 255 -21.85 11.04 8.10
N THR B 256 -21.58 10.98 9.41
CA THR B 256 -21.28 9.71 10.09
C THR B 256 -22.58 8.91 10.23
N PRO B 257 -22.72 7.74 9.58
CA PRO B 257 -24.03 7.07 9.54
C PRO B 257 -24.44 6.39 10.87
N THR B 258 -25.67 5.83 10.85
CA THR B 258 -26.38 5.20 11.96
C THR B 258 -26.67 3.69 11.67
N GLU B 259 -27.26 2.96 12.63
CA GLU B 259 -27.81 1.63 12.36
C GLU B 259 -29.07 1.71 11.42
N GLU B 260 -29.64 2.91 11.19
CA GLU B 260 -30.75 3.08 10.23
C GLU B 260 -30.20 3.23 8.81
N GLN B 261 -29.18 4.10 8.63
CA GLN B 261 -28.53 4.27 7.33
C GLN B 261 -27.78 3.00 6.92
N TRP B 262 -27.22 2.26 7.88
CA TRP B 262 -26.40 1.08 7.62
C TRP B 262 -26.64 0.06 8.77
N PRO B 263 -27.52 -0.96 8.60
CA PRO B 263 -27.88 -1.81 9.75
C PRO B 263 -26.76 -2.66 10.35
N ASP B 264 -26.06 -3.50 9.54
CA ASP B 264 -25.01 -4.38 10.05
C ASP B 264 -23.64 -3.68 10.15
N MET B 265 -23.58 -2.32 10.17
CA MET B 265 -22.33 -1.56 10.22
C MET B 265 -21.52 -1.89 11.46
N CYS B 266 -22.17 -1.93 12.64
CA CYS B 266 -21.49 -2.20 13.91
C CYS B 266 -20.92 -3.63 14.00
N SER B 267 -21.38 -4.56 13.15
CA SER B 267 -20.84 -5.93 13.11
C SER B 267 -19.83 -6.15 11.96
N LEU B 268 -19.23 -5.09 11.38
CA LEU B 268 -18.15 -5.28 10.41
C LEU B 268 -16.83 -5.60 11.13
N PRO B 269 -15.89 -6.33 10.47
CA PRO B 269 -14.70 -6.84 11.22
C PRO B 269 -13.84 -5.77 11.86
N ASP B 270 -13.75 -4.60 11.21
CA ASP B 270 -12.95 -3.48 11.67
C ASP B 270 -13.83 -2.26 11.99
N TYR B 271 -15.15 -2.45 12.33
CA TYR B 271 -16.00 -1.32 12.73
C TYR B 271 -15.42 -0.65 13.99
N VAL B 272 -15.38 0.69 14.02
CA VAL B 272 -14.85 1.43 15.15
C VAL B 272 -15.66 2.74 15.33
N THR B 273 -16.07 3.06 16.58
CA THR B 273 -16.95 4.19 16.93
C THR B 273 -16.37 5.51 16.49
N PHE B 274 -16.88 6.05 15.39
CA PHE B 274 -16.37 7.29 14.84
C PHE B 274 -17.10 8.52 15.38
N LYS B 275 -16.32 9.61 15.61
CA LYS B 275 -16.73 11.01 15.82
C LYS B 275 -17.93 11.40 14.90
N SER B 276 -19.11 11.73 15.47
CA SER B 276 -20.28 12.08 14.66
C SER B 276 -19.98 13.36 13.88
N PHE B 277 -20.37 13.40 12.58
CA PHE B 277 -20.33 14.60 11.75
C PHE B 277 -21.67 14.75 11.03
N PRO B 278 -22.24 15.98 10.92
CA PRO B 278 -23.50 16.13 10.17
C PRO B 278 -23.34 15.88 8.67
N GLY B 279 -22.19 16.27 8.13
CA GLY B 279 -21.89 16.18 6.72
C GLY B 279 -22.41 17.38 5.97
N ILE B 280 -21.73 17.71 4.87
CA ILE B 280 -22.08 18.83 4.01
C ILE B 280 -23.25 18.39 3.11
N PRO B 281 -24.27 19.25 2.82
CA PRO B 281 -25.26 18.87 1.79
C PRO B 281 -24.68 18.89 0.37
N LEU B 282 -25.07 17.91 -0.46
CA LEU B 282 -24.51 17.73 -1.81
C LEU B 282 -24.78 18.88 -2.77
N HIS B 283 -25.79 19.74 -2.53
CA HIS B 283 -25.96 20.97 -3.31
C HIS B 283 -24.92 22.05 -2.97
N HIS B 284 -24.19 21.95 -1.84
CA HIS B 284 -23.09 22.87 -1.51
C HIS B 284 -21.80 22.47 -2.22
N ILE B 285 -21.48 21.16 -2.22
CA ILE B 285 -20.27 20.65 -2.86
C ILE B 285 -20.42 20.72 -4.36
N PHE B 286 -21.60 20.32 -4.88
CA PHE B 286 -21.89 20.26 -6.32
C PHE B 286 -22.91 21.32 -6.61
N SER B 287 -22.42 22.55 -6.56
CA SER B 287 -23.26 23.74 -6.56
C SER B 287 -23.89 24.05 -7.92
N ALA B 288 -23.28 23.59 -9.02
CA ALA B 288 -23.82 23.73 -10.37
C ALA B 288 -24.68 22.52 -10.80
N ALA B 289 -24.61 21.39 -10.08
CA ALA B 289 -25.41 20.20 -10.42
C ALA B 289 -26.92 20.43 -10.24
N GLY B 290 -27.70 19.92 -11.19
CA GLY B 290 -29.16 19.87 -11.07
C GLY B 290 -29.62 18.73 -10.18
N ASP B 291 -30.87 18.78 -9.74
CA ASP B 291 -31.48 17.76 -8.86
C ASP B 291 -31.39 16.33 -9.43
N ASP B 292 -31.53 16.15 -10.76
CA ASP B 292 -31.42 14.84 -11.40
C ASP B 292 -30.04 14.21 -11.16
N LEU B 293 -28.99 15.02 -11.33
CA LEU B 293 -27.59 14.65 -11.05
C LEU B 293 -27.29 14.51 -9.55
N LEU B 294 -27.86 15.38 -8.70
CA LEU B 294 -27.69 15.28 -7.25
C LEU B 294 -28.26 13.98 -6.72
N ASP B 295 -29.35 13.45 -7.35
CA ASP B 295 -29.91 12.17 -6.92
C ASP B 295 -29.06 11.00 -7.39
N LEU B 296 -28.39 11.11 -8.55
CA LEU B 296 -27.44 10.09 -9.00
C LEU B 296 -26.28 9.95 -8.00
N ILE B 297 -25.71 11.08 -7.58
CA ILE B 297 -24.60 11.15 -6.62
C ILE B 297 -25.04 10.54 -5.25
N GLN B 298 -26.12 11.10 -4.67
CA GLN B 298 -26.79 10.60 -3.47
C GLN B 298 -27.03 9.08 -3.51
N GLY B 299 -27.43 8.54 -4.67
CA GLY B 299 -27.61 7.11 -4.87
C GLY B 299 -26.34 6.27 -4.85
N LEU B 300 -25.24 6.79 -5.40
CA LEU B 300 -23.97 6.04 -5.46
C LEU B 300 -23.14 6.15 -4.19
N PHE B 301 -23.48 7.10 -3.27
CA PHE B 301 -22.75 7.34 -2.04
C PHE B 301 -23.55 6.94 -0.81
N LEU B 302 -24.59 6.10 -0.95
CA LEU B 302 -25.31 5.59 0.21
C LEU B 302 -24.38 4.63 0.95
N PHE B 303 -24.29 4.76 2.28
CA PHE B 303 -23.44 3.89 3.10
C PHE B 303 -23.85 2.41 3.05
N ASN B 304 -25.14 2.06 3.22
CA ASN B 304 -25.60 0.66 3.17
C ASN B 304 -25.29 0.06 1.77
N PRO B 305 -24.39 -0.93 1.64
CA PRO B 305 -24.06 -1.46 0.31
C PRO B 305 -25.20 -2.02 -0.54
N CYS B 306 -26.29 -2.50 0.11
CA CYS B 306 -27.47 -3.08 -0.56
C CYS B 306 -28.48 -2.00 -0.97
N ALA B 307 -28.55 -0.87 -0.21
CA ALA B 307 -29.30 0.31 -0.60
C ALA B 307 -28.65 1.01 -1.78
N ARG B 308 -27.30 0.99 -1.83
CA ARG B 308 -26.48 1.66 -2.85
C ARG B 308 -26.96 1.25 -4.23
N ILE B 309 -27.11 2.24 -5.10
N ILE B 309 -27.17 2.24 -5.12
CA ILE B 309 -27.69 2.10 -6.45
CA ILE B 309 -27.75 1.96 -6.43
C ILE B 309 -26.77 1.18 -7.31
C ILE B 309 -26.79 1.13 -7.29
N THR B 310 -27.36 0.28 -8.14
CA THR B 310 -26.58 -0.57 -9.05
C THR B 310 -26.28 0.20 -10.35
N ALA B 311 -25.47 -0.39 -11.27
CA ALA B 311 -25.21 0.18 -12.58
C ALA B 311 -26.51 0.26 -13.40
N THR B 312 -27.41 -0.70 -13.25
CA THR B 312 -28.67 -0.69 -13.99
C THR B 312 -29.60 0.38 -13.46
N GLN B 313 -29.71 0.51 -12.13
CA GLN B 313 -30.56 1.53 -11.51
C GLN B 313 -30.04 2.94 -11.82
N ALA B 314 -28.71 3.14 -11.80
CA ALA B 314 -28.05 4.36 -12.28
C ALA B 314 -28.50 4.70 -13.72
N LEU B 315 -28.44 3.77 -14.68
CA LEU B 315 -28.76 4.07 -16.08
C LEU B 315 -30.31 4.29 -16.30
N LYS B 316 -31.15 3.81 -15.36
CA LYS B 316 -32.57 4.07 -15.36
C LYS B 316 -32.96 5.40 -14.66
N MET B 317 -31.96 6.22 -14.23
CA MET B 317 -32.22 7.44 -13.47
CA MET B 317 -32.29 7.41 -13.47
C MET B 317 -32.58 8.56 -14.42
N LYS B 318 -33.47 9.48 -13.99
CA LYS B 318 -33.88 10.69 -14.70
C LYS B 318 -32.71 11.38 -15.41
N TYR B 319 -31.60 11.59 -14.71
CA TYR B 319 -30.37 12.16 -15.24
C TYR B 319 -30.05 11.75 -16.68
N PHE B 320 -30.18 10.48 -17.03
CA PHE B 320 -29.70 10.03 -18.37
C PHE B 320 -30.67 10.24 -19.51
N SER B 321 -32.02 10.33 -19.20
CA SER B 321 -33.07 10.68 -20.19
C SER B 321 -33.40 12.20 -20.22
N ASN B 322 -32.91 12.98 -19.24
CA ASN B 322 -33.13 14.43 -19.24
C ASN B 322 -32.18 15.16 -20.20
N ARG B 323 -32.50 16.44 -20.51
CA ARG B 323 -31.68 17.30 -21.34
C ARG B 323 -30.69 18.05 -20.45
N PRO B 324 -29.44 18.25 -20.93
CA PRO B 324 -28.93 17.97 -22.27
C PRO B 324 -28.37 16.55 -22.30
N GLY B 325 -28.76 15.76 -23.28
CA GLY B 325 -28.24 14.41 -23.46
C GLY B 325 -26.77 14.41 -23.76
N PRO B 326 -26.16 13.23 -23.66
CA PRO B 326 -24.71 13.14 -23.70
C PRO B 326 -24.11 13.55 -25.05
N THR B 327 -22.85 14.02 -24.99
CA THR B 327 -22.10 14.47 -26.19
C THR B 327 -21.77 13.28 -27.10
N PRO B 328 -21.93 13.44 -28.45
CA PRO B 328 -21.41 12.42 -29.37
C PRO B 328 -19.92 12.14 -29.13
N GLY B 329 -19.49 10.90 -29.37
CA GLY B 329 -18.12 10.49 -29.07
C GLY B 329 -17.10 11.41 -29.71
N CYS B 330 -17.32 11.65 -31.02
CA CYS B 330 -16.51 12.45 -31.92
C CYS B 330 -16.36 13.93 -31.49
N GLN B 331 -17.23 14.46 -30.58
CA GLN B 331 -17.13 15.82 -30.04
C GLN B 331 -16.75 15.86 -28.55
N LEU B 332 -16.31 14.73 -27.96
CA LEU B 332 -15.72 14.78 -26.62
C LEU B 332 -14.39 15.56 -26.69
N PRO B 333 -14.00 16.19 -25.56
CA PRO B 333 -12.75 16.95 -25.55
C PRO B 333 -11.51 16.09 -25.51
N ARG B 334 -10.63 16.26 -26.53
CA ARG B 334 -9.39 15.50 -26.73
C ARG B 334 -8.21 16.40 -26.50
N PRO B 335 -7.27 16.09 -25.58
CA PRO B 335 -6.10 16.98 -25.40
C PRO B 335 -5.01 16.87 -26.49
N ASN B 336 -3.85 17.56 -26.30
CA ASN B 336 -2.64 17.33 -27.13
C ASN B 336 -1.42 17.08 -26.22
#